data_7QAA
#
_entry.id   7QAA
#
_cell.length_a   116.600
_cell.length_b   116.600
_cell.length_c   207.800
_cell.angle_alpha   90.000
_cell.angle_beta   90.000
_cell.angle_gamma   120.000
#
_symmetry.space_group_name_H-M   'P 61 2 2'
#
loop_
_entity.id
_entity.type
_entity.pdbx_description
1 polymer 'Retinoic acid receptor RXR-alpha'
2 polymer 'Isoform Alpha-1-deltaBC of Retinoic acid receptor alpha'
3 non-polymer 'OLEIC ACID'
4 non-polymer "4-[(4,4-DIMETHYL-1,2,3,4-TETRAHYDRO-[1,2']BINAPTHALENYL-7-CARBONYL)-AMINO]-BENZOIC ACID"
5 water water
#
loop_
_entity_poly.entity_id
_entity_poly.type
_entity_poly.pdbx_seq_one_letter_code
_entity_poly.pdbx_strand_id
1 'polypeptide(L)'
;SANEDMPVEKILEAELAVEPKTETYVEANMGLNPSSPNDPVTNICQAADKQLFTLVEWAKRIPHFSELPLDDQVILLRAG
WNELLIASFSHRSIAVKDGILLATGLHVHRNSAHSAGVGAIFDRVLTELVSKMRDMQMDKTELGCLRAIVLFNPDSKGLS
NPAEVEALREKVYASLEAYCKHKYPEQPGRFAKLLLRLPALRSIGLKCLEHLFFFKLIGDTPIDTFLMEMLEA
;
A
2 'polypeptide(L)'
;PEVGELIEKVRKAHQETFPALCQLGKYTTNNSSEQRVSLDIDLWDKFSELSTKCIIKTVEFAKQLPGFTTLTIADQITLL
KAACLDILILRICTRYTPEQDTMTFSDGLTLNRTQMHNAGFGPLTDLVFAFANQLLPLEMDDAETGLLSAICLICGDRQD
LEQPDRVDMLQEPLLEALKVYVRKRRPSRPHMFPKMLMKITDLRSISAKGAERVITLKMEIPGSMPPLIQEMLEN
;
B
#
loop_
_chem_comp.id
_chem_comp.type
_chem_comp.name
_chem_comp.formula
BMS non-polymer '4-[(4,4-DIMETHYL-1,2,3,4-TETRAHYDRO-[1,2']BINAPTHALENYL-7-CARBONYL)-AMINO]-BENZOIC ACID' 'C29 H26 N2 O3'
OLA non-polymer 'OLEIC ACID' 'C18 H34 O2'
#
# COMPACT_ATOMS: atom_id res chain seq x y z
N SER A 1 -20.12 19.69 4.32
CA SER A 1 -21.14 18.64 4.40
C SER A 1 -20.52 17.26 4.11
N ALA A 2 -19.20 17.17 4.31
CA ALA A 2 -18.53 15.89 4.11
C ALA A 2 -18.98 14.85 5.13
N ASN A 3 -19.07 15.25 6.40
CA ASN A 3 -19.51 14.33 7.45
C ASN A 3 -20.97 13.92 7.30
N GLU A 4 -21.74 14.62 6.46
CA GLU A 4 -23.13 14.24 6.27
C GLU A 4 -23.27 13.16 5.21
N ASP A 5 -22.40 13.18 4.21
CA ASP A 5 -22.38 12.09 3.22
C ASP A 5 -21.97 10.78 3.88
N MET A 6 -20.90 10.81 4.66
CA MET A 6 -20.34 9.63 5.32
C MET A 6 -20.15 9.96 6.79
N PRO A 7 -21.18 9.76 7.62
CA PRO A 7 -21.10 10.18 9.02
C PRO A 7 -20.10 9.36 9.82
N VAL A 8 -19.06 10.04 10.31
CA VAL A 8 -18.20 9.54 11.38
C VAL A 8 -18.98 8.81 12.46
N GLU A 9 -19.99 9.48 13.01
CA GLU A 9 -20.71 8.93 14.15
C GLU A 9 -21.35 7.59 13.82
N LYS A 10 -21.90 7.45 12.61
CA LYS A 10 -22.49 6.17 12.21
C LYS A 10 -21.42 5.10 11.98
N ILE A 11 -20.24 5.51 11.53
CA ILE A 11 -19.14 4.56 11.36
C ILE A 11 -18.69 4.01 12.70
N LEU A 12 -18.51 4.87 13.70
CA LEU A 12 -18.15 4.36 15.03
C LEU A 12 -19.25 3.48 15.61
N GLU A 13 -20.51 3.80 15.31
CA GLU A 13 -21.61 2.90 15.68
C GLU A 13 -21.37 1.49 15.15
N ALA A 14 -20.83 1.39 13.93
CA ALA A 14 -20.59 0.07 13.35
C ALA A 14 -19.47 -0.65 14.08
N GLU A 15 -18.38 0.04 14.38
CA GLU A 15 -17.29 -0.56 15.15
C GLU A 15 -17.79 -1.04 16.51
N LEU A 16 -18.35 -0.13 17.31
CA LEU A 16 -18.80 -0.45 18.65
C LEU A 16 -19.82 -1.59 18.66
N ALA A 17 -20.51 -1.80 17.54
CA ALA A 17 -21.50 -2.88 17.46
C ALA A 17 -20.82 -4.24 17.56
N VAL A 18 -19.92 -4.54 16.63
CA VAL A 18 -19.36 -5.87 16.51
C VAL A 18 -18.07 -6.07 17.31
N GLU A 19 -17.67 -5.14 18.09
CA GLU A 19 -16.65 -5.29 19.10
C GLU A 19 -17.07 -6.31 20.18
N PRO A 20 -16.20 -7.24 20.60
CA PRO A 20 -16.42 -8.46 21.39
C PRO A 20 -16.71 -8.22 22.88
N PRO A 37 -10.40 -26.79 24.45
CA PRO A 37 -9.42 -26.88 23.35
C PRO A 37 -8.67 -25.57 23.15
N ASN A 38 -7.43 -25.51 23.63
CA ASN A 38 -6.66 -24.27 23.68
C ASN A 38 -5.27 -24.53 23.12
N ASP A 39 -5.01 -24.06 21.90
CA ASP A 39 -3.70 -24.17 21.27
C ASP A 39 -3.63 -23.13 20.16
N PRO A 40 -2.41 -22.75 19.72
CA PRO A 40 -2.26 -21.60 18.81
C PRO A 40 -3.18 -21.63 17.60
N VAL A 41 -3.09 -22.68 16.78
CA VAL A 41 -3.89 -22.74 15.55
C VAL A 41 -5.39 -22.71 15.89
N THR A 42 -5.80 -23.50 16.88
CA THR A 42 -7.20 -23.49 17.28
C THR A 42 -7.63 -22.11 17.75
N ASN A 43 -6.80 -21.46 18.56
CA ASN A 43 -7.15 -20.16 19.11
C ASN A 43 -7.34 -19.13 18.00
N ILE A 44 -6.46 -19.16 17.00
CA ILE A 44 -6.57 -18.21 15.90
C ILE A 44 -7.81 -18.48 15.07
N CYS A 45 -8.02 -19.75 14.68
CA CYS A 45 -9.18 -20.11 13.88
C CYS A 45 -10.48 -19.68 14.55
N GLN A 46 -10.64 -20.01 15.83
CA GLN A 46 -11.89 -19.70 16.50
C GLN A 46 -12.07 -18.19 16.70
N ALA A 47 -10.96 -17.45 16.84
CA ALA A 47 -11.07 -15.99 16.89
C ALA A 47 -11.49 -15.44 15.53
N ALA A 48 -11.02 -16.06 14.44
CA ALA A 48 -11.42 -15.61 13.11
C ALA A 48 -12.89 -15.88 12.86
N ASP A 49 -13.35 -17.11 13.15
CA ASP A 49 -14.74 -17.46 12.91
C ASP A 49 -15.69 -16.50 13.63
N LYS A 50 -15.32 -16.10 14.84
CA LYS A 50 -16.15 -15.18 15.62
C LYS A 50 -16.33 -13.85 14.89
N GLN A 51 -15.21 -13.21 14.54
CA GLN A 51 -15.30 -11.93 13.84
C GLN A 51 -15.91 -12.08 12.46
N LEU A 52 -15.76 -13.26 11.84
CA LEU A 52 -16.38 -13.51 10.54
C LEU A 52 -17.90 -13.56 10.66
N PHE A 53 -18.41 -14.14 11.74
CA PHE A 53 -19.85 -14.22 11.93
C PHE A 53 -20.50 -12.86 12.10
N THR A 54 -19.71 -11.80 12.31
CA THR A 54 -20.29 -10.48 12.54
C THR A 54 -19.78 -9.37 11.61
N LEU A 55 -19.01 -9.67 10.55
CA LEU A 55 -18.72 -8.60 9.59
C LEU A 55 -19.98 -8.07 8.95
N VAL A 56 -20.86 -8.97 8.50
CA VAL A 56 -22.05 -8.52 7.79
C VAL A 56 -22.85 -7.57 8.65
N GLU A 57 -22.91 -7.85 9.96
CA GLU A 57 -23.50 -6.90 10.89
C GLU A 57 -22.74 -5.58 10.89
N TRP A 58 -21.41 -5.62 10.82
CA TRP A 58 -20.63 -4.39 10.80
C TRP A 58 -20.87 -3.60 9.52
N ALA A 59 -20.72 -4.26 8.36
CA ALA A 59 -20.84 -3.54 7.10
C ALA A 59 -22.23 -2.94 6.91
N LYS A 60 -23.26 -3.63 7.39
CA LYS A 60 -24.63 -3.13 7.24
C LYS A 60 -24.82 -1.78 7.93
N ARG A 61 -24.10 -1.54 9.04
CA ARG A 61 -24.17 -0.26 9.74
C ARG A 61 -23.20 0.77 9.19
N ILE A 62 -22.52 0.47 8.08
CA ILE A 62 -21.68 1.45 7.42
C ILE A 62 -22.58 2.24 6.48
N PRO A 63 -22.56 3.57 6.53
CA PRO A 63 -23.45 4.37 5.69
C PRO A 63 -23.35 4.00 4.23
N HIS A 64 -24.50 3.71 3.62
CA HIS A 64 -24.73 3.45 2.20
C HIS A 64 -24.20 2.10 1.75
N PHE A 65 -23.65 1.28 2.63
CA PHE A 65 -23.24 -0.05 2.20
C PHE A 65 -24.44 -0.89 1.77
N SER A 66 -25.55 -0.81 2.52
CA SER A 66 -26.72 -1.63 2.22
C SER A 66 -27.40 -1.18 0.93
N GLU A 67 -27.30 0.09 0.58
CA GLU A 67 -27.87 0.61 -0.66
C GLU A 67 -27.15 0.12 -1.91
N LEU A 68 -26.01 -0.55 -1.77
CA LEU A 68 -25.34 -1.16 -2.90
C LEU A 68 -26.04 -2.47 -3.28
N PRO A 69 -25.91 -2.90 -4.54
CA PRO A 69 -26.50 -4.19 -4.93
C PRO A 69 -25.91 -5.34 -4.14
N LEU A 70 -26.72 -6.39 -3.97
CA LEU A 70 -26.31 -7.47 -3.05
C LEU A 70 -25.10 -8.23 -3.58
N ASP A 71 -25.00 -8.41 -4.90
CA ASP A 71 -23.79 -9.03 -5.44
C ASP A 71 -22.56 -8.17 -5.20
N ASP A 72 -22.69 -6.84 -5.17
CA ASP A 72 -21.56 -6.00 -4.85
C ASP A 72 -21.21 -6.07 -3.37
N GLN A 73 -22.22 -6.21 -2.51
CA GLN A 73 -21.98 -6.37 -1.08
C GLN A 73 -21.12 -7.59 -0.80
N VAL A 74 -21.48 -8.74 -1.40
CA VAL A 74 -20.69 -9.95 -1.26
C VAL A 74 -19.24 -9.70 -1.65
N ILE A 75 -19.05 -9.10 -2.84
CA ILE A 75 -17.70 -8.94 -3.40
C ILE A 75 -16.83 -8.12 -2.46
N LEU A 76 -17.32 -6.96 -2.02
CA LEU A 76 -16.52 -6.09 -1.16
C LEU A 76 -16.14 -6.80 0.14
N LEU A 77 -17.06 -7.61 0.68
CA LEU A 77 -16.78 -8.28 1.94
C LEU A 77 -15.79 -9.42 1.75
N ARG A 78 -15.98 -10.25 0.71
CA ARG A 78 -15.01 -11.29 0.44
C ARG A 78 -13.65 -10.73 0.08
N ALA A 79 -13.60 -9.48 -0.37
CA ALA A 79 -12.34 -8.87 -0.79
C ALA A 79 -11.55 -8.31 0.38
N GLY A 80 -12.22 -7.88 1.45
CA GLY A 80 -11.49 -7.24 2.52
C GLY A 80 -11.64 -7.87 3.89
N TRP A 81 -12.23 -9.06 3.98
CA TRP A 81 -12.52 -9.66 5.28
C TRP A 81 -11.25 -9.86 6.09
N ASN A 82 -10.20 -10.42 5.49
CA ASN A 82 -8.97 -10.66 6.23
C ASN A 82 -8.36 -9.35 6.70
N GLU A 83 -8.39 -8.35 5.83
CA GLU A 83 -7.72 -7.10 6.11
C GLU A 83 -8.55 -6.24 7.06
N LEU A 84 -9.87 -6.44 7.06
CA LEU A 84 -10.73 -5.84 8.08
C LEU A 84 -10.48 -6.46 9.45
N LEU A 85 -10.27 -7.78 9.52
CA LEU A 85 -10.00 -8.41 10.81
C LEU A 85 -8.62 -8.04 11.34
N ILE A 86 -7.61 -8.04 10.47
CA ILE A 86 -6.26 -7.71 10.90
C ILE A 86 -6.21 -6.30 11.47
N ALA A 87 -6.79 -5.34 10.75
CA ALA A 87 -6.88 -3.98 11.27
C ALA A 87 -7.54 -3.96 12.65
N SER A 88 -8.58 -4.77 12.82
CA SER A 88 -9.35 -4.70 14.05
C SER A 88 -8.61 -5.32 15.23
N PHE A 89 -8.00 -6.51 15.03
CA PHE A 89 -7.29 -7.09 16.17
C PHE A 89 -5.93 -6.44 16.41
N SER A 90 -5.40 -5.71 15.43
CA SER A 90 -4.17 -4.95 15.69
C SER A 90 -4.44 -3.80 16.65
N HIS A 91 -5.48 -3.01 16.37
CA HIS A 91 -5.83 -1.90 17.25
C HIS A 91 -6.24 -2.40 18.62
N ARG A 92 -6.93 -3.54 18.66
CA ARG A 92 -7.31 -4.12 19.95
C ARG A 92 -6.09 -4.54 20.76
N SER A 93 -4.99 -4.85 20.09
CA SER A 93 -3.80 -5.34 20.78
C SER A 93 -2.93 -4.23 21.34
N ILE A 94 -3.31 -2.96 21.15
CA ILE A 94 -2.54 -1.87 21.75
C ILE A 94 -2.42 -2.07 23.26
N ALA A 95 -3.46 -2.65 23.87
CA ALA A 95 -3.44 -2.92 25.31
C ALA A 95 -2.31 -3.89 25.67
N VAL A 96 -2.35 -5.10 25.11
CA VAL A 96 -1.36 -6.14 25.36
C VAL A 96 0.05 -5.62 25.10
N LYS A 97 1.02 -6.10 25.86
CA LYS A 97 2.43 -5.80 25.63
C LYS A 97 3.09 -6.97 24.93
N ASP A 98 3.59 -6.74 23.72
CA ASP A 98 4.35 -7.74 22.96
C ASP A 98 3.50 -8.98 22.65
N GLY A 99 2.25 -8.76 22.24
CA GLY A 99 1.37 -9.87 21.95
C GLY A 99 0.11 -9.40 21.26
N ILE A 100 -0.75 -10.37 20.94
CA ILE A 100 -2.00 -10.14 20.20
C ILE A 100 -3.16 -10.52 21.09
N LEU A 101 -4.15 -9.64 21.20
CA LEU A 101 -5.39 -9.91 21.92
C LEU A 101 -6.43 -10.37 20.90
N LEU A 102 -6.72 -11.67 20.89
CA LEU A 102 -7.71 -12.19 19.96
C LEU A 102 -9.11 -11.76 20.37
N ALA A 103 -10.03 -11.85 19.41
CA ALA A 103 -11.43 -11.47 19.68
C ALA A 103 -12.07 -12.36 20.73
N THR A 104 -11.51 -13.54 20.99
CA THR A 104 -12.04 -14.43 22.02
C THR A 104 -11.52 -14.09 23.41
N GLY A 105 -10.66 -13.07 23.53
CA GLY A 105 -10.11 -12.69 24.81
C GLY A 105 -8.75 -13.28 25.11
N LEU A 106 -8.29 -14.24 24.32
CA LEU A 106 -7.02 -14.89 24.60
C LEU A 106 -5.86 -13.99 24.18
N HIS A 107 -4.78 -14.07 24.94
CA HIS A 107 -3.53 -13.41 24.62
C HIS A 107 -2.63 -14.39 23.89
N VAL A 108 -2.17 -14.02 22.69
CA VAL A 108 -1.25 -14.83 21.91
C VAL A 108 0.08 -14.10 21.85
N HIS A 109 1.17 -14.83 22.13
CA HIS A 109 2.50 -14.27 22.20
C HIS A 109 3.41 -14.96 21.18
N ARG A 110 4.65 -14.48 21.11
CA ARG A 110 5.55 -14.77 19.99
C ARG A 110 5.66 -16.28 19.73
N ASN A 111 6.16 -16.99 20.74
CA ASN A 111 6.29 -18.45 20.71
C ASN A 111 5.00 -19.12 20.27
N SER A 112 3.87 -18.69 20.81
CA SER A 112 2.59 -19.24 20.38
C SER A 112 2.37 -19.01 18.89
N ALA A 113 2.79 -17.84 18.38
CA ALA A 113 2.68 -17.58 16.94
C ALA A 113 3.67 -18.41 16.15
N HIS A 114 4.90 -18.55 16.65
CA HIS A 114 5.85 -19.46 16.01
C HIS A 114 5.30 -20.88 15.96
N SER A 115 4.71 -21.34 17.07
CA SER A 115 4.02 -22.63 17.08
C SER A 115 3.02 -22.73 15.93
N ALA A 116 2.29 -21.65 15.66
CA ALA A 116 1.32 -21.61 14.56
C ALA A 116 1.96 -21.29 13.22
N GLY A 117 3.28 -21.13 13.16
CA GLY A 117 3.96 -20.88 11.91
C GLY A 117 3.75 -19.50 11.33
N VAL A 118 3.43 -18.52 12.18
CA VAL A 118 3.15 -17.16 11.71
C VAL A 118 3.96 -16.16 12.53
N GLY A 119 5.14 -16.56 12.97
CA GLY A 119 5.96 -15.67 13.79
C GLY A 119 6.36 -14.40 13.09
N ALA A 120 6.73 -14.49 11.81
CA ALA A 120 7.13 -13.30 11.08
C ALA A 120 5.96 -12.33 10.93
N ILE A 121 4.76 -12.86 10.64
CA ILE A 121 3.57 -12.02 10.57
C ILE A 121 3.31 -11.36 11.92
N PHE A 122 3.39 -12.16 12.99
CA PHE A 122 3.25 -11.63 14.34
C PHE A 122 4.14 -10.42 14.56
N ASP A 123 5.43 -10.55 14.21
CA ASP A 123 6.37 -9.45 14.43
C ASP A 123 5.99 -8.22 13.61
N ARG A 124 5.53 -8.42 12.36
CA ARG A 124 5.16 -7.30 11.51
C ARG A 124 3.91 -6.59 12.03
N VAL A 125 2.90 -7.37 12.45
CA VAL A 125 1.73 -6.78 13.08
C VAL A 125 2.14 -5.90 14.25
N LEU A 126 3.09 -6.36 15.06
CA LEU A 126 3.48 -5.61 16.25
C LEU A 126 4.20 -4.31 15.89
N THR A 127 5.16 -4.36 14.96
CA THR A 127 5.94 -3.17 14.67
C THR A 127 5.23 -2.25 13.69
N GLU A 128 4.59 -2.79 12.66
CA GLU A 128 4.00 -1.95 11.63
C GLU A 128 2.57 -1.54 11.92
N LEU A 129 1.84 -2.29 12.74
CA LEU A 129 0.45 -1.97 13.04
C LEU A 129 0.27 -1.52 14.48
N VAL A 130 0.44 -2.43 15.45
CA VAL A 130 0.10 -2.11 16.83
C VAL A 130 0.92 -0.93 17.34
N SER A 131 2.24 -0.97 17.15
CA SER A 131 3.10 0.10 17.65
C SER A 131 2.74 1.44 17.01
N LYS A 132 2.49 1.44 15.70
CA LYS A 132 2.16 2.69 15.02
C LYS A 132 0.83 3.25 15.50
N MET A 133 -0.21 2.40 15.56
CA MET A 133 -1.47 2.88 16.11
C MET A 133 -1.31 3.31 17.56
N ARG A 134 -0.43 2.65 18.31
CA ARG A 134 -0.22 3.04 19.70
C ARG A 134 0.43 4.42 19.80
N ASP A 135 1.54 4.62 19.09
CA ASP A 135 2.30 5.85 19.22
C ASP A 135 1.49 7.07 18.77
N MET A 136 0.70 6.92 17.72
CA MET A 136 -0.13 8.04 17.26
C MET A 136 -1.52 8.05 17.89
N GLN A 137 -1.79 7.14 18.83
CA GLN A 137 -3.04 7.13 19.58
C GLN A 137 -4.26 7.12 18.66
N MET A 138 -4.22 6.23 17.67
CA MET A 138 -5.34 6.11 16.75
C MET A 138 -6.59 5.69 17.51
N ASP A 139 -7.62 6.54 17.45
CA ASP A 139 -8.84 6.23 18.18
C ASP A 139 -9.73 5.29 17.35
N LYS A 140 -10.85 4.87 17.94
CA LYS A 140 -11.70 3.88 17.30
C LYS A 140 -12.45 4.48 16.12
N THR A 141 -12.66 5.79 16.12
CA THR A 141 -13.33 6.42 14.99
C THR A 141 -12.45 6.35 13.75
N GLU A 142 -11.17 6.70 13.88
CA GLU A 142 -10.25 6.65 12.76
C GLU A 142 -10.02 5.22 12.29
N LEU A 143 -9.93 4.27 13.24
CA LEU A 143 -9.87 2.87 12.84
C LEU A 143 -11.09 2.50 12.01
N GLY A 144 -12.27 2.95 12.44
CA GLY A 144 -13.48 2.65 11.68
C GLY A 144 -13.44 3.19 10.27
N CYS A 145 -13.00 4.45 10.12
CA CYS A 145 -12.86 5.03 8.79
C CYS A 145 -11.85 4.26 7.96
N LEU A 146 -10.70 3.95 8.55
CA LEU A 146 -9.72 3.12 7.85
C LEU A 146 -10.33 1.81 7.38
N ARG A 147 -11.16 1.18 8.21
CA ARG A 147 -11.80 -0.06 7.78
C ARG A 147 -12.87 0.22 6.73
N ALA A 148 -13.59 1.33 6.86
CA ALA A 148 -14.53 1.71 5.81
C ALA A 148 -13.82 1.93 4.49
N ILE A 149 -12.67 2.59 4.51
CA ILE A 149 -11.86 2.75 3.31
C ILE A 149 -11.49 1.39 2.73
N VAL A 150 -11.06 0.46 3.59
CA VAL A 150 -10.76 -0.89 3.12
C VAL A 150 -12.02 -1.55 2.55
N LEU A 151 -13.17 -1.31 3.17
CA LEU A 151 -14.42 -1.92 2.70
C LEU A 151 -14.79 -1.42 1.32
N PHE A 152 -14.83 -0.09 1.14
CA PHE A 152 -15.18 0.52 -0.14
C PHE A 152 -13.97 0.52 -1.06
N ASN A 153 -13.55 -0.68 -1.44
CA ASN A 153 -12.40 -0.84 -2.32
C ASN A 153 -12.86 -0.97 -3.75
N PRO A 154 -12.66 0.05 -4.60
CA PRO A 154 -13.20 0.00 -5.97
C PRO A 154 -12.50 -0.99 -6.89
N ASP A 155 -11.32 -1.50 -6.54
CA ASP A 155 -10.68 -2.49 -7.42
C ASP A 155 -11.29 -3.88 -7.29
N SER A 156 -12.11 -4.14 -6.27
CA SER A 156 -12.68 -5.47 -6.08
C SER A 156 -13.26 -5.99 -7.38
N LYS A 157 -12.67 -7.07 -7.89
CA LYS A 157 -13.02 -7.56 -9.22
C LYS A 157 -14.48 -8.02 -9.26
N GLY A 158 -15.12 -7.79 -10.40
CA GLY A 158 -16.51 -8.18 -10.61
C GLY A 158 -17.53 -7.20 -10.08
N LEU A 159 -17.10 -6.06 -9.58
CA LEU A 159 -18.01 -5.08 -8.99
C LEU A 159 -18.85 -4.43 -10.08
N SER A 160 -20.16 -4.32 -9.84
CA SER A 160 -21.07 -3.88 -10.90
C SER A 160 -20.87 -2.40 -11.23
N ASN A 161 -20.68 -1.55 -10.23
CA ASN A 161 -20.49 -0.12 -10.43
C ASN A 161 -19.40 0.37 -9.48
N PRO A 162 -18.14 0.23 -9.87
CA PRO A 162 -17.04 0.71 -9.01
C PRO A 162 -17.05 2.21 -8.79
N ALA A 163 -17.54 2.98 -9.77
CA ALA A 163 -17.57 4.43 -9.61
C ALA A 163 -18.39 4.82 -8.39
N GLU A 164 -19.46 4.10 -8.11
CA GLU A 164 -20.21 4.33 -6.88
C GLU A 164 -19.38 3.97 -5.66
N VAL A 165 -18.59 2.90 -5.75
CA VAL A 165 -17.82 2.44 -4.60
C VAL A 165 -16.72 3.43 -4.25
N GLU A 166 -15.96 3.91 -5.24
CA GLU A 166 -14.93 4.85 -4.78
C GLU A 166 -15.47 6.27 -4.65
N ALA A 167 -16.66 6.55 -5.16
CA ALA A 167 -17.37 7.73 -4.67
C ALA A 167 -17.66 7.60 -3.19
N LEU A 168 -18.05 6.39 -2.77
CA LEU A 168 -18.26 6.13 -1.35
C LEU A 168 -16.96 6.20 -0.57
N ARG A 169 -15.91 5.55 -1.07
CA ARG A 169 -14.62 5.59 -0.38
C ARG A 169 -14.13 7.02 -0.25
N GLU A 170 -14.25 7.83 -1.31
CA GLU A 170 -13.78 9.20 -1.25
C GLU A 170 -14.61 10.01 -0.28
N LYS A 171 -15.86 9.62 -0.08
CA LYS A 171 -16.63 10.26 0.98
C LYS A 171 -16.05 9.93 2.35
N VAL A 172 -15.48 8.73 2.51
CA VAL A 172 -14.84 8.42 3.79
C VAL A 172 -13.55 9.23 3.94
N TYR A 173 -12.77 9.35 2.87
CA TYR A 173 -11.62 10.25 2.88
C TYR A 173 -12.03 11.64 3.37
N ALA A 174 -13.10 12.17 2.78
CA ALA A 174 -13.56 13.51 3.15
C ALA A 174 -13.95 13.57 4.62
N SER A 175 -14.77 12.62 5.07
CA SER A 175 -15.20 12.60 6.47
C SER A 175 -14.01 12.45 7.40
N LEU A 176 -13.14 11.46 7.12
CA LEU A 176 -12.03 11.19 8.03
C LEU A 176 -11.11 12.39 8.15
N GLU A 177 -10.74 12.99 7.02
CA GLU A 177 -9.86 14.16 7.07
C GLU A 177 -10.54 15.33 7.76
N ALA A 178 -11.84 15.52 7.52
CA ALA A 178 -12.60 16.52 8.26
C ALA A 178 -12.53 16.26 9.75
N TYR A 179 -12.75 14.99 10.15
CA TYR A 179 -12.67 14.62 11.56
C TYR A 179 -11.27 14.88 12.13
N CYS A 180 -10.24 14.63 11.33
CA CYS A 180 -8.87 14.83 11.83
C CYS A 180 -8.55 16.30 12.01
N LYS A 181 -8.94 17.13 11.03
CA LYS A 181 -8.77 18.58 11.18
C LYS A 181 -9.50 19.09 12.42
N HIS A 182 -10.67 18.50 12.71
CA HIS A 182 -11.46 18.92 13.87
C HIS A 182 -10.80 18.49 15.18
N LYS A 183 -10.66 17.18 15.39
CA LYS A 183 -10.22 16.69 16.69
C LYS A 183 -8.74 16.92 16.95
N TYR A 184 -7.93 17.13 15.91
CA TYR A 184 -6.48 17.26 16.06
C TYR A 184 -5.97 18.37 15.15
N PRO A 185 -6.37 19.60 15.42
CA PRO A 185 -5.90 20.72 14.57
C PRO A 185 -4.40 20.95 14.63
N GLU A 186 -3.77 20.68 15.76
CA GLU A 186 -2.32 20.82 15.93
C GLU A 186 -1.51 19.81 15.14
N GLN A 187 -2.17 18.84 14.50
CA GLN A 187 -1.49 17.81 13.71
C GLN A 187 -2.07 17.83 12.30
N PRO A 188 -1.58 18.74 11.45
CA PRO A 188 -2.16 18.85 10.10
C PRO A 188 -1.89 17.63 9.24
N GLY A 189 -0.76 16.95 9.42
CA GLY A 189 -0.44 15.79 8.62
C GLY A 189 -0.91 14.47 9.22
N ARG A 190 -1.94 14.53 10.05
CA ARG A 190 -2.40 13.33 10.75
C ARG A 190 -3.28 12.45 9.86
N PHE A 191 -4.10 13.07 9.01
CA PHE A 191 -4.87 12.32 8.04
C PHE A 191 -3.96 11.43 7.20
N ALA A 192 -2.85 11.98 6.71
CA ALA A 192 -1.90 11.17 5.94
C ALA A 192 -1.25 10.11 6.81
N LYS A 193 -0.90 10.45 8.05
CA LYS A 193 -0.25 9.49 8.94
C LYS A 193 -1.15 8.29 9.20
N LEU A 194 -2.46 8.50 9.28
CA LEU A 194 -3.38 7.38 9.41
C LEU A 194 -3.41 6.53 8.14
N LEU A 195 -3.51 7.19 6.99
CA LEU A 195 -3.61 6.45 5.73
C LEU A 195 -2.39 5.57 5.49
N LEU A 196 -1.22 5.97 5.98
CA LEU A 196 -0.01 5.20 5.73
C LEU A 196 0.03 3.86 6.44
N ARG A 197 -0.94 3.57 7.32
CA ARG A 197 -1.10 2.20 7.83
C ARG A 197 -1.73 1.29 6.80
N LEU A 198 -2.50 1.84 5.86
CA LEU A 198 -3.18 1.00 4.89
C LEU A 198 -2.23 0.20 4.00
N PRO A 199 -1.07 0.73 3.57
CA PRO A 199 -0.14 -0.14 2.83
C PRO A 199 0.41 -1.27 3.69
N ALA A 200 0.82 -0.98 4.92
CA ALA A 200 1.24 -2.04 5.85
C ALA A 200 0.12 -3.05 6.02
N LEU A 201 -1.10 -2.58 6.27
CA LEU A 201 -2.24 -3.47 6.44
C LEU A 201 -2.42 -4.39 5.24
N ARG A 202 -2.28 -3.83 4.03
CA ARG A 202 -2.35 -4.66 2.82
C ARG A 202 -1.18 -5.63 2.75
N SER A 203 0.04 -5.14 3.01
CA SER A 203 1.22 -6.00 2.96
C SER A 203 1.07 -7.19 3.91
N ILE A 204 0.69 -6.93 5.16
CA ILE A 204 0.53 -8.02 6.12
C ILE A 204 -0.66 -8.90 5.74
N GLY A 205 -1.76 -8.28 5.30
CA GLY A 205 -2.94 -9.06 4.94
C GLY A 205 -2.67 -10.04 3.83
N LEU A 206 -1.77 -9.69 2.91
CA LEU A 206 -1.39 -10.61 1.85
C LEU A 206 -0.68 -11.83 2.41
N LYS A 207 0.28 -11.62 3.32
CA LYS A 207 1.02 -12.74 3.88
C LYS A 207 0.12 -13.70 4.65
N CYS A 208 -0.94 -13.19 5.28
CA CYS A 208 -1.84 -14.07 6.03
C CYS A 208 -2.58 -15.02 5.10
N LEU A 209 -3.04 -14.53 3.95
CA LEU A 209 -3.66 -15.39 2.94
C LEU A 209 -2.78 -16.55 2.49
N GLU A 210 -1.47 -16.48 2.71
CA GLU A 210 -0.64 -17.63 2.41
C GLU A 210 -0.81 -18.77 3.40
N HIS A 211 -1.36 -18.50 4.58
CA HIS A 211 -1.49 -19.51 5.62
C HIS A 211 -2.90 -20.08 5.73
N LEU A 212 -3.82 -19.67 4.86
CA LEU A 212 -5.21 -20.11 4.96
C LEU A 212 -5.32 -21.63 4.90
N PHE A 213 -4.40 -22.30 4.20
CA PHE A 213 -4.49 -23.75 4.11
C PHE A 213 -4.33 -24.42 5.48
N PHE A 214 -3.66 -23.77 6.42
CA PHE A 214 -3.45 -24.34 7.74
C PHE A 214 -4.48 -23.89 8.76
N PHE A 215 -5.24 -22.83 8.47
CA PHE A 215 -6.26 -22.31 9.38
C PHE A 215 -7.62 -22.52 8.72
N LYS A 216 -8.29 -23.61 9.08
CA LYS A 216 -9.61 -23.93 8.54
C LYS A 216 -10.64 -23.03 9.19
N LEU A 217 -11.03 -21.97 8.48
CA LEU A 217 -12.01 -21.02 9.00
C LEU A 217 -13.40 -21.49 8.60
N ILE A 218 -14.25 -21.74 9.60
CA ILE A 218 -15.60 -22.24 9.42
C ILE A 218 -15.42 -23.68 8.93
N GLY A 219 -16.50 -24.43 8.72
CA GLY A 219 -16.34 -25.81 8.29
C GLY A 219 -15.74 -25.94 6.91
N ASP A 220 -14.55 -25.38 6.70
CA ASP A 220 -13.95 -25.23 5.37
C ASP A 220 -14.92 -24.57 4.40
N THR A 221 -15.98 -23.99 4.94
CA THR A 221 -17.01 -23.38 4.12
C THR A 221 -16.41 -22.26 3.29
N PRO A 222 -16.71 -22.19 1.99
CA PRO A 222 -16.23 -21.07 1.18
C PRO A 222 -16.60 -19.73 1.80
N ILE A 223 -15.59 -18.89 2.03
CA ILE A 223 -15.82 -17.56 2.57
C ILE A 223 -16.91 -16.86 1.77
N ASP A 224 -16.79 -16.90 0.44
CA ASP A 224 -17.81 -16.36 -0.46
C ASP A 224 -19.23 -16.79 -0.08
N THR A 225 -19.48 -18.10 -0.05
CA THR A 225 -20.81 -18.60 0.25
C THR A 225 -21.27 -18.16 1.64
N PHE A 226 -20.35 -18.14 2.61
CA PHE A 226 -20.72 -17.76 3.97
C PHE A 226 -21.27 -16.34 4.01
N LEU A 227 -20.58 -15.38 3.39
CA LEU A 227 -21.03 -13.99 3.49
C LEU A 227 -22.38 -13.81 2.82
N MET A 228 -22.57 -14.45 1.65
CA MET A 228 -23.81 -14.32 0.92
C MET A 228 -25.00 -14.78 1.75
N GLU A 229 -24.88 -15.94 2.40
CA GLU A 229 -25.96 -16.42 3.26
C GLU A 229 -26.19 -15.49 4.43
N MET A 230 -25.15 -14.80 4.90
CA MET A 230 -25.34 -13.76 5.91
C MET A 230 -26.11 -12.58 5.34
N LEU A 231 -25.86 -12.25 4.07
CA LEU A 231 -26.48 -11.08 3.46
C LEU A 231 -27.95 -11.34 3.12
N GLU A 232 -28.24 -12.46 2.44
CA GLU A 232 -29.61 -12.86 2.14
C GLU A 232 -30.36 -13.34 3.37
N ALA A 233 -29.76 -13.18 4.54
CA ALA A 233 -30.43 -13.54 5.79
C ALA A 233 -31.26 -12.35 6.30
N PRO B 1 6.25 28.90 0.66
CA PRO B 1 7.23 29.26 1.70
C PRO B 1 8.41 28.29 1.75
N GLU B 2 8.76 27.81 2.95
CA GLU B 2 9.81 26.81 3.08
C GLU B 2 9.39 25.45 2.54
N VAL B 3 8.09 25.24 2.32
CA VAL B 3 7.63 24.01 1.68
C VAL B 3 7.86 24.08 0.17
N GLY B 4 7.69 25.26 -0.42
CA GLY B 4 7.98 25.42 -1.84
C GLY B 4 9.43 25.10 -2.18
N GLU B 5 10.36 25.44 -1.29
CA GLU B 5 11.74 25.01 -1.47
C GLU B 5 11.83 23.50 -1.52
N LEU B 6 11.15 22.83 -0.58
CA LEU B 6 11.16 21.37 -0.56
C LEU B 6 10.56 20.80 -1.83
N ILE B 7 9.40 21.32 -2.24
CA ILE B 7 8.80 20.89 -3.51
C ILE B 7 9.78 21.07 -4.66
N GLU B 8 10.44 22.23 -4.72
CA GLU B 8 11.36 22.50 -5.82
C GLU B 8 12.59 21.60 -5.76
N LYS B 9 13.11 21.33 -4.56
CA LYS B 9 14.23 20.42 -4.44
C LYS B 9 13.85 19.01 -4.91
N VAL B 10 12.70 18.52 -4.46
CA VAL B 10 12.28 17.17 -4.83
C VAL B 10 12.00 17.09 -6.32
N ARG B 11 11.37 18.13 -6.90
CA ARG B 11 11.16 18.14 -8.34
C ARG B 11 12.49 18.10 -9.09
N LYS B 12 13.43 18.95 -8.68
CA LYS B 12 14.74 18.98 -9.30
C LYS B 12 15.45 17.64 -9.15
N ALA B 13 15.36 17.03 -7.97
CA ALA B 13 15.97 15.72 -7.74
C ALA B 13 15.39 14.68 -8.70
N HIS B 14 14.07 14.68 -8.85
CA HIS B 14 13.42 13.76 -9.79
C HIS B 14 13.82 14.09 -11.23
N GLN B 15 13.71 15.36 -11.62
CA GLN B 15 13.95 15.74 -13.02
C GLN B 15 15.37 15.39 -13.45
N GLU B 16 16.34 15.53 -12.56
CA GLU B 16 17.72 15.26 -12.93
C GLU B 16 17.99 13.76 -13.02
N THR B 17 17.37 12.96 -12.14
CA THR B 17 17.58 11.52 -12.13
C THR B 17 16.50 10.75 -12.91
N PHE B 18 15.60 11.45 -13.61
CA PHE B 18 14.54 10.78 -14.35
C PHE B 18 13.83 11.75 -15.29
N PRO B 19 14.16 11.75 -16.58
CA PRO B 19 13.52 12.69 -17.51
C PRO B 19 12.10 12.30 -17.86
N ALA B 20 11.31 13.30 -18.19
CA ALA B 20 9.88 13.11 -18.44
C ALA B 20 9.65 12.39 -19.77
N LEU B 21 8.51 11.71 -19.86
CA LEU B 21 8.17 10.97 -21.08
C LEU B 21 8.16 11.89 -22.30
N CYS B 22 7.63 13.10 -22.15
CA CYS B 22 7.42 13.99 -23.29
C CYS B 22 8.70 14.57 -23.87
N GLN B 23 9.80 14.58 -23.12
CA GLN B 23 11.03 15.22 -23.58
C GLN B 23 12.07 14.20 -24.00
N LEU B 24 11.62 13.03 -24.44
CA LEU B 24 12.53 11.89 -24.52
C LEU B 24 12.41 11.30 -25.92
N GLY B 25 13.55 11.18 -26.60
CA GLY B 25 13.53 10.70 -27.96
C GLY B 25 13.34 9.20 -27.99
N LYS B 26 12.23 8.74 -28.58
CA LYS B 26 11.91 7.32 -28.56
C LYS B 26 12.73 6.55 -29.58
N TYR B 27 13.04 5.31 -29.23
CA TYR B 27 13.58 4.34 -30.17
C TYR B 27 13.03 2.96 -29.79
N THR B 28 13.03 2.04 -30.74
CA THR B 28 12.38 0.75 -30.54
C THR B 28 13.28 -0.37 -31.03
N THR B 29 12.79 -1.60 -30.82
CA THR B 29 13.39 -2.81 -31.37
C THR B 29 12.31 -3.61 -32.11
N GLN B 35 4.81 -12.18 -29.82
CA GLN B 35 3.93 -12.94 -28.94
C GLN B 35 4.54 -13.42 -27.62
N ARG B 36 3.65 -13.73 -26.67
CA ARG B 36 4.03 -13.98 -25.28
C ARG B 36 4.92 -15.21 -25.17
N VAL B 37 6.10 -15.05 -24.54
CA VAL B 37 6.97 -16.17 -24.22
C VAL B 37 7.43 -16.02 -22.77
N SER B 38 8.00 -17.09 -22.25
CA SER B 38 8.45 -17.12 -20.87
C SER B 38 9.43 -15.98 -20.60
N LEU B 39 10.45 -15.84 -21.43
CA LEU B 39 11.44 -14.79 -21.23
C LEU B 39 12.27 -14.64 -22.50
N ASP B 40 12.28 -13.44 -23.06
CA ASP B 40 13.17 -13.09 -24.16
C ASP B 40 14.49 -12.65 -23.54
N ILE B 41 15.52 -13.49 -23.65
CA ILE B 41 16.76 -13.24 -22.93
C ILE B 41 17.44 -11.97 -23.45
N ASP B 42 17.22 -11.61 -24.71
CA ASP B 42 17.83 -10.40 -25.23
C ASP B 42 17.17 -9.16 -24.64
N LEU B 43 15.84 -9.09 -24.69
CA LEU B 43 15.11 -8.01 -24.01
C LEU B 43 15.47 -7.96 -22.54
N TRP B 44 15.64 -9.13 -21.90
CA TRP B 44 16.03 -9.15 -20.51
C TRP B 44 17.36 -8.47 -20.30
N ASP B 45 18.29 -8.64 -21.23
CA ASP B 45 19.60 -8.01 -21.07
C ASP B 45 19.49 -6.50 -21.17
N LYS B 46 18.72 -6.00 -22.14
CA LYS B 46 18.50 -4.55 -22.23
C LYS B 46 17.69 -4.05 -21.04
N PHE B 47 16.67 -4.81 -20.64
CA PHE B 47 15.85 -4.44 -19.49
C PHE B 47 16.68 -4.45 -18.20
N SER B 48 17.46 -5.51 -17.98
CA SER B 48 18.28 -5.57 -16.78
C SER B 48 19.38 -4.51 -16.81
N GLU B 49 19.78 -4.07 -18.01
CA GLU B 49 20.88 -3.12 -18.12
C GLU B 49 20.37 -1.71 -17.80
N LEU B 50 19.12 -1.41 -18.18
CA LEU B 50 18.47 -0.16 -17.81
C LEU B 50 18.06 -0.13 -16.33
N SER B 51 17.51 -1.25 -15.83
CA SER B 51 17.14 -1.31 -14.42
C SER B 51 18.33 -1.02 -13.52
N THR B 52 19.51 -1.47 -13.90
CA THR B 52 20.72 -1.16 -13.15
C THR B 52 20.99 0.34 -13.15
N LYS B 53 20.99 0.96 -14.33
CA LYS B 53 21.16 2.41 -14.43
C LYS B 53 20.12 3.15 -13.60
N CYS B 54 18.87 2.69 -13.63
CA CYS B 54 17.82 3.37 -12.88
C CYS B 54 18.04 3.22 -11.38
N ILE B 55 18.54 2.06 -10.94
CA ILE B 55 18.89 1.91 -9.53
C ILE B 55 19.90 2.97 -9.12
N ILE B 56 20.99 3.09 -9.88
CA ILE B 56 22.00 4.09 -9.60
C ILE B 56 21.37 5.48 -9.55
N LYS B 57 20.52 5.79 -10.54
CA LYS B 57 19.85 7.08 -10.54
C LYS B 57 18.91 7.23 -9.36
N THR B 58 18.27 6.15 -8.92
CA THR B 58 17.40 6.23 -7.75
C THR B 58 18.21 6.50 -6.48
N VAL B 59 19.44 5.99 -6.41
CA VAL B 59 20.31 6.33 -5.29
C VAL B 59 20.73 7.80 -5.39
N GLU B 60 21.10 8.26 -6.58
CA GLU B 60 21.38 9.68 -6.79
C GLU B 60 20.21 10.52 -6.34
N PHE B 61 19.00 10.15 -6.78
CA PHE B 61 17.78 10.85 -6.37
C PHE B 61 17.65 10.88 -4.84
N ALA B 62 17.96 9.75 -4.19
CA ALA B 62 17.83 9.68 -2.74
C ALA B 62 18.78 10.65 -2.05
N LYS B 63 20.04 10.66 -2.49
CA LYS B 63 21.05 11.54 -1.90
C LYS B 63 20.72 13.01 -2.12
N GLN B 64 19.89 13.32 -3.12
CA GLN B 64 19.45 14.70 -3.34
C GLN B 64 18.29 15.09 -2.44
N LEU B 65 17.64 14.13 -1.80
CA LEU B 65 16.51 14.43 -0.94
C LEU B 65 17.01 15.14 0.31
N PRO B 66 16.38 16.24 0.73
CA PRO B 66 16.85 16.95 1.93
C PRO B 66 16.95 16.06 3.15
N GLY B 67 18.17 15.94 3.68
CA GLY B 67 18.40 15.22 4.91
C GLY B 67 18.40 13.71 4.82
N PHE B 68 18.39 13.15 3.61
CA PHE B 68 18.50 11.70 3.49
C PHE B 68 19.90 11.22 3.91
N THR B 69 20.94 11.82 3.34
CA THR B 69 22.31 11.44 3.67
C THR B 69 22.66 11.71 5.13
N THR B 70 21.85 12.50 5.84
CA THR B 70 22.04 12.68 7.27
C THR B 70 21.42 11.56 8.10
N LEU B 71 21.12 10.42 7.48
CA LEU B 71 20.72 9.23 8.20
C LEU B 71 21.96 8.35 8.41
N THR B 72 21.83 7.37 9.29
CA THR B 72 22.89 6.39 9.43
C THR B 72 23.08 5.68 8.09
N ILE B 73 24.33 5.57 7.66
CA ILE B 73 24.62 4.96 6.36
C ILE B 73 24.01 3.57 6.26
N ALA B 74 23.80 2.89 7.38
CA ALA B 74 23.10 1.62 7.35
C ALA B 74 21.61 1.80 7.06
N ASP B 75 20.96 2.73 7.77
CA ASP B 75 19.54 2.98 7.52
C ASP B 75 19.32 3.47 6.10
N GLN B 76 20.23 4.30 5.58
CA GLN B 76 20.18 4.68 4.18
C GLN B 76 20.12 3.44 3.29
N ILE B 77 21.04 2.50 3.52
CA ILE B 77 21.05 1.24 2.76
C ILE B 77 19.75 0.48 2.97
N THR B 78 19.29 0.40 4.21
CA THR B 78 18.05 -0.34 4.50
C THR B 78 16.87 0.24 3.73
N LEU B 79 16.77 1.57 3.68
CA LEU B 79 15.63 2.21 3.03
C LEU B 79 15.68 2.01 1.52
N LEU B 80 16.83 2.32 0.90
CA LEU B 80 16.96 2.15 -0.54
C LEU B 80 16.76 0.70 -0.94
N LYS B 81 17.33 -0.23 -0.16
CA LYS B 81 17.21 -1.65 -0.48
C LYS B 81 15.77 -2.13 -0.45
N ALA B 82 14.89 -1.44 0.27
CA ALA B 82 13.51 -1.90 0.45
C ALA B 82 12.51 -1.16 -0.42
N ALA B 83 12.79 0.09 -0.80
CA ALA B 83 11.91 0.85 -1.69
C ALA B 83 12.37 0.82 -3.15
N CYS B 84 13.62 0.43 -3.38
CA CYS B 84 14.15 -0.03 -4.67
C CYS B 84 13.09 -0.31 -5.75
N LEU B 85 12.44 -1.49 -5.73
CA LEU B 85 11.47 -1.79 -6.79
C LEU B 85 10.28 -0.85 -6.79
N ASP B 86 9.85 -0.41 -5.60
CA ASP B 86 8.71 0.50 -5.57
C ASP B 86 8.94 1.66 -6.53
N ILE B 87 10.14 2.23 -6.49
CA ILE B 87 10.42 3.42 -7.27
C ILE B 87 10.60 3.08 -8.74
N LEU B 88 11.40 2.05 -9.04
CA LEU B 88 11.44 1.52 -10.41
C LEU B 88 10.05 1.29 -11.00
N ILE B 89 9.20 0.54 -10.31
CA ILE B 89 7.87 0.26 -10.87
C ILE B 89 7.09 1.56 -11.04
N LEU B 90 7.15 2.45 -10.04
CA LEU B 90 6.44 3.72 -10.16
C LEU B 90 6.99 4.56 -11.31
N ARG B 91 8.32 4.58 -11.46
CA ARG B 91 8.94 5.43 -12.46
C ARG B 91 8.55 4.99 -13.87
N ILE B 92 8.70 3.71 -14.18
CA ILE B 92 8.39 3.24 -15.53
C ILE B 92 6.90 3.40 -15.83
N CYS B 93 6.06 3.37 -14.80
CA CYS B 93 4.63 3.52 -15.03
C CYS B 93 4.24 4.96 -15.35
N THR B 94 5.06 5.95 -14.98
CA THR B 94 4.84 7.31 -15.45
C THR B 94 5.41 7.53 -16.86
N ARG B 95 5.87 6.47 -17.51
CA ARG B 95 6.31 6.53 -18.90
C ARG B 95 5.40 5.69 -19.80
N TYR B 96 4.15 5.51 -19.39
CA TYR B 96 3.19 4.71 -20.13
C TYR B 96 2.47 5.57 -21.15
N THR B 97 2.31 5.04 -22.37
CA THR B 97 1.60 5.73 -23.44
C THR B 97 0.34 4.95 -23.78
N PRO B 98 -0.85 5.43 -23.41
CA PRO B 98 -2.06 4.59 -23.58
C PRO B 98 -2.46 4.39 -25.03
N GLU B 99 -2.14 5.34 -25.91
CA GLU B 99 -2.44 5.14 -27.33
C GLU B 99 -1.76 3.88 -27.85
N GLN B 100 -0.43 3.83 -27.75
CA GLN B 100 0.35 2.67 -28.17
C GLN B 100 0.46 1.55 -27.14
N ASP B 101 -0.04 1.75 -25.91
CA ASP B 101 0.06 0.73 -24.87
C ASP B 101 1.52 0.31 -24.69
N THR B 102 2.38 1.29 -24.52
CA THR B 102 3.83 1.08 -24.43
C THR B 102 4.37 1.75 -23.18
N MET B 103 5.62 1.43 -22.85
CA MET B 103 6.33 2.06 -21.77
C MET B 103 7.73 2.42 -22.25
N THR B 104 8.23 3.58 -21.82
CA THR B 104 9.47 4.14 -22.34
C THR B 104 10.53 4.21 -21.24
N PHE B 105 11.72 3.73 -21.54
CA PHE B 105 12.80 3.74 -20.56
C PHE B 105 13.60 5.04 -20.65
N SER B 106 14.51 5.22 -19.69
CA SER B 106 15.21 6.48 -19.51
C SER B 106 16.18 6.81 -20.65
N ASP B 107 16.44 5.89 -21.56
CA ASP B 107 17.25 6.16 -22.74
C ASP B 107 16.42 6.32 -24.00
N GLY B 108 15.09 6.25 -23.88
CA GLY B 108 14.19 6.33 -25.01
C GLY B 108 13.60 5.02 -25.44
N LEU B 109 14.12 3.89 -24.93
CA LEU B 109 13.63 2.58 -25.34
C LEU B 109 12.16 2.43 -24.99
N THR B 110 11.35 2.12 -25.99
CA THR B 110 9.89 2.04 -25.86
C THR B 110 9.43 0.63 -26.21
N LEU B 111 8.93 -0.10 -25.21
CA LEU B 111 8.45 -1.46 -25.39
C LEU B 111 6.94 -1.49 -25.23
N ASN B 112 6.27 -2.34 -26.02
CA ASN B 112 4.84 -2.52 -25.87
C ASN B 112 4.57 -3.62 -24.84
N ARG B 113 3.29 -3.99 -24.66
CA ARG B 113 2.92 -4.87 -23.55
C ARG B 113 3.59 -6.23 -23.67
N THR B 114 3.55 -6.83 -24.86
CA THR B 114 4.15 -8.14 -25.03
C THR B 114 5.67 -8.07 -24.83
N GLN B 115 6.30 -7.00 -25.29
CA GLN B 115 7.75 -6.87 -25.07
C GLN B 115 8.07 -6.66 -23.60
N MET B 116 7.29 -5.83 -22.91
CA MET B 116 7.48 -5.69 -21.47
C MET B 116 7.33 -7.05 -20.78
N HIS B 117 6.32 -7.82 -21.18
CA HIS B 117 6.14 -9.17 -20.66
C HIS B 117 7.40 -10.01 -20.85
N ASN B 118 7.82 -10.15 -22.11
CA ASN B 118 8.98 -10.98 -22.42
C ASN B 118 10.28 -10.40 -21.89
N ALA B 119 10.32 -9.11 -21.58
CA ALA B 119 11.54 -8.52 -21.04
C ALA B 119 11.79 -8.94 -19.60
N GLY B 120 10.77 -9.41 -18.90
CA GLY B 120 10.94 -9.83 -17.52
C GLY B 120 9.71 -9.63 -16.67
N PHE B 121 8.77 -8.82 -17.17
CA PHE B 121 7.53 -8.62 -16.43
C PHE B 121 6.79 -9.93 -16.22
N GLY B 122 6.78 -10.79 -17.23
CA GLY B 122 6.17 -12.10 -17.14
C GLY B 122 4.73 -12.06 -16.66
N PRO B 123 4.41 -12.93 -15.70
CA PRO B 123 3.03 -12.97 -15.18
C PRO B 123 2.58 -11.70 -14.50
N LEU B 124 3.51 -10.80 -14.16
CA LEU B 124 3.16 -9.53 -13.52
C LEU B 124 2.79 -8.45 -14.53
N THR B 125 2.84 -8.76 -15.83
CA THR B 125 2.67 -7.75 -16.87
C THR B 125 1.35 -7.01 -16.75
N ASP B 126 0.25 -7.75 -16.59
CA ASP B 126 -1.06 -7.09 -16.59
C ASP B 126 -1.27 -6.28 -15.32
N LEU B 127 -0.74 -6.73 -14.18
CA LEU B 127 -0.74 -5.91 -12.98
C LEU B 127 -0.09 -4.56 -13.23
N VAL B 128 1.14 -4.56 -13.73
CA VAL B 128 1.88 -3.31 -13.90
C VAL B 128 1.15 -2.41 -14.87
N PHE B 129 0.72 -2.95 -16.01
CA PHE B 129 0.07 -2.12 -17.02
C PHE B 129 -1.25 -1.56 -16.49
N ALA B 130 -1.99 -2.36 -15.72
CA ALA B 130 -3.19 -1.84 -15.10
C ALA B 130 -2.87 -0.70 -14.14
N PHE B 131 -1.80 -0.86 -13.34
CA PHE B 131 -1.37 0.21 -12.44
C PHE B 131 -1.01 1.49 -13.20
N ALA B 132 -0.36 1.36 -14.36
CA ALA B 132 0.01 2.54 -15.13
C ALA B 132 -1.22 3.27 -15.66
N ASN B 133 -2.15 2.53 -16.27
CA ASN B 133 -3.48 3.07 -16.57
C ASN B 133 -4.14 3.74 -15.38
N GLN B 134 -4.07 3.13 -14.20
CA GLN B 134 -4.70 3.78 -13.06
C GLN B 134 -3.99 5.07 -12.66
N LEU B 135 -2.77 5.30 -13.14
CA LEU B 135 -2.09 6.56 -12.84
C LEU B 135 -2.52 7.68 -13.76
N LEU B 136 -2.92 7.36 -14.98
CA LEU B 136 -3.27 8.39 -15.97
C LEU B 136 -4.30 9.40 -15.46
N PRO B 137 -5.44 8.99 -14.89
CA PRO B 137 -6.39 10.00 -14.36
C PRO B 137 -5.77 10.96 -13.35
N LEU B 138 -4.70 10.58 -12.67
CA LEU B 138 -4.10 11.44 -11.66
C LEU B 138 -3.40 12.64 -12.28
N GLU B 139 -2.94 12.51 -13.53
CA GLU B 139 -2.25 13.59 -14.23
C GLU B 139 -1.09 14.13 -13.41
N MET B 140 -0.24 13.21 -12.95
CA MET B 140 0.90 13.55 -12.13
C MET B 140 1.99 14.24 -12.94
N ASP B 141 2.67 15.19 -12.31
CA ASP B 141 3.80 15.89 -12.91
C ASP B 141 5.09 15.53 -12.18
N ASP B 142 6.19 16.19 -12.56
CA ASP B 142 7.50 15.84 -12.02
C ASP B 142 7.52 15.95 -10.50
N ALA B 143 6.99 17.05 -9.97
CA ALA B 143 7.01 17.26 -8.53
C ALA B 143 6.21 16.18 -7.82
N GLU B 144 5.03 15.84 -8.33
CA GLU B 144 4.18 14.86 -7.67
C GLU B 144 4.78 13.46 -7.76
N THR B 145 5.28 13.08 -8.94
CA THR B 145 5.98 11.81 -9.06
C THR B 145 7.16 11.76 -8.11
N GLY B 146 7.94 12.84 -8.05
CA GLY B 146 9.08 12.86 -7.15
C GLY B 146 8.68 12.74 -5.69
N LEU B 147 7.67 13.52 -5.28
CA LEU B 147 7.23 13.48 -3.89
C LEU B 147 6.75 12.09 -3.51
N LEU B 148 5.91 11.48 -4.36
CA LEU B 148 5.42 10.14 -4.10
C LEU B 148 6.57 9.15 -3.96
N SER B 149 7.58 9.26 -4.81
CA SER B 149 8.78 8.43 -4.68
C SER B 149 9.45 8.66 -3.33
N ALA B 150 9.69 9.92 -2.99
CA ALA B 150 10.36 10.24 -1.73
C ALA B 150 9.57 9.70 -0.54
N ILE B 151 8.24 9.87 -0.56
CA ILE B 151 7.40 9.35 0.50
C ILE B 151 7.54 7.84 0.60
N CYS B 152 7.66 7.18 -0.56
CA CYS B 152 7.81 5.74 -0.62
C CYS B 152 9.17 5.30 -0.07
N LEU B 153 10.20 6.13 -0.28
CA LEU B 153 11.55 5.78 0.16
C LEU B 153 11.74 6.04 1.65
N ILE B 154 11.45 7.25 2.12
CA ILE B 154 11.55 7.56 3.55
C ILE B 154 10.37 6.94 4.27
N CYS B 155 10.47 5.65 4.57
CA CYS B 155 9.40 4.87 5.21
C CYS B 155 9.90 4.30 6.53
N GLY B 156 9.34 4.78 7.64
CA GLY B 156 9.73 4.28 8.94
C GLY B 156 9.20 2.89 9.29
N ASP B 157 8.36 2.30 8.45
CA ASP B 157 7.87 0.94 8.69
C ASP B 157 8.94 -0.11 8.43
N ARG B 158 9.94 0.21 7.61
CA ARG B 158 10.93 -0.78 7.21
C ARG B 158 11.65 -1.33 8.43
N GLN B 159 11.80 -2.66 8.49
CA GLN B 159 12.45 -3.26 9.64
C GLN B 159 13.96 -3.21 9.49
N ASP B 160 14.65 -3.38 10.63
CA ASP B 160 16.10 -3.23 10.78
C ASP B 160 16.54 -1.78 10.65
N LEU B 161 15.63 -0.84 10.86
CA LEU B 161 16.00 0.57 10.87
C LEU B 161 16.60 0.92 12.22
N GLU B 162 17.77 1.57 12.20
CA GLU B 162 18.41 1.97 13.44
C GLU B 162 17.70 3.16 14.06
N GLN B 163 17.27 4.12 13.25
CA GLN B 163 16.52 5.28 13.72
C GLN B 163 15.17 5.33 13.01
N PRO B 164 14.27 4.39 13.34
CA PRO B 164 12.95 4.46 12.69
C PRO B 164 12.20 5.72 13.01
N ASP B 165 12.39 6.32 14.19
CA ASP B 165 11.50 7.47 14.46
C ASP B 165 12.04 8.58 13.60
N ARG B 166 13.29 8.41 13.20
CA ARG B 166 13.90 9.61 12.70
C ARG B 166 13.49 9.74 11.23
N VAL B 167 13.48 8.60 10.52
CA VAL B 167 12.91 8.48 9.18
C VAL B 167 11.48 9.02 9.15
N ASP B 168 10.67 8.66 10.16
CA ASP B 168 9.31 9.17 10.23
C ASP B 168 9.29 10.71 10.21
N MET B 169 10.28 11.33 10.86
CA MET B 169 10.36 12.79 10.85
C MET B 169 10.71 13.33 9.47
N LEU B 170 11.63 12.64 8.75
CA LEU B 170 11.97 13.07 7.41
C LEU B 170 10.77 12.97 6.47
N GLN B 171 9.88 12.01 6.69
CA GLN B 171 8.74 11.79 5.80
C GLN B 171 7.67 12.85 5.95
N GLU B 172 7.53 13.43 7.15
CA GLU B 172 6.41 14.33 7.41
C GLU B 172 6.37 15.54 6.48
N PRO B 173 7.41 16.36 6.38
CA PRO B 173 7.33 17.51 5.46
C PRO B 173 7.03 17.09 4.03
N LEU B 174 7.35 15.85 3.65
CA LEU B 174 7.03 15.39 2.31
C LEU B 174 5.54 15.16 2.14
N LEU B 175 4.89 14.55 3.14
CA LEU B 175 3.45 14.33 3.07
C LEU B 175 2.68 15.64 3.00
N GLU B 176 3.16 16.67 3.71
CA GLU B 176 2.50 17.97 3.63
C GLU B 176 2.66 18.57 2.25
N ALA B 177 3.89 18.50 1.70
CA ALA B 177 4.16 19.09 0.39
C ALA B 177 3.24 18.51 -0.67
N LEU B 178 3.13 17.18 -0.70
CA LEU B 178 2.22 16.54 -1.65
C LEU B 178 0.79 17.04 -1.46
N LYS B 179 0.33 17.11 -0.21
CA LYS B 179 -1.05 17.51 0.05
C LYS B 179 -1.35 18.88 -0.54
N VAL B 180 -0.52 19.89 -0.24
CA VAL B 180 -0.79 21.25 -0.72
C VAL B 180 -0.55 21.34 -2.22
N TYR B 181 0.53 20.73 -2.72
CA TYR B 181 0.84 20.84 -4.14
C TYR B 181 -0.26 20.19 -4.99
N VAL B 182 -0.64 18.97 -4.64
CA VAL B 182 -1.66 18.26 -5.41
C VAL B 182 -2.96 19.06 -5.45
N ARG B 183 -3.36 19.61 -4.30
CA ARG B 183 -4.67 20.25 -4.21
C ARG B 183 -4.67 21.66 -4.81
N LYS B 184 -3.52 22.34 -4.83
CA LYS B 184 -3.44 23.61 -5.54
C LYS B 184 -3.72 23.42 -7.04
N ARG B 185 -3.11 22.40 -7.63
CA ARG B 185 -3.31 22.15 -9.06
C ARG B 185 -4.67 21.56 -9.38
N ARG B 186 -5.42 21.07 -8.39
CA ARG B 186 -6.72 20.45 -8.60
C ARG B 186 -7.70 20.97 -7.56
N PRO B 187 -8.05 22.25 -7.64
CA PRO B 187 -8.75 22.90 -6.52
C PRO B 187 -10.17 22.42 -6.29
N SER B 188 -10.80 21.76 -7.26
CA SER B 188 -12.20 21.38 -7.13
C SER B 188 -12.38 19.94 -6.69
N ARG B 189 -11.32 19.24 -6.29
CA ARG B 189 -11.39 17.81 -6.08
C ARG B 189 -10.24 17.38 -5.20
N PRO B 190 -10.32 17.68 -3.90
CA PRO B 190 -9.23 17.41 -2.97
C PRO B 190 -9.04 15.93 -2.66
N HIS B 191 -9.97 15.08 -3.08
CA HIS B 191 -9.78 13.65 -2.88
C HIS B 191 -8.60 13.11 -3.67
N MET B 192 -8.04 13.89 -4.60
CA MET B 192 -6.91 13.41 -5.39
C MET B 192 -5.69 13.16 -4.52
N PHE B 193 -5.57 13.87 -3.39
CA PHE B 193 -4.40 13.67 -2.53
C PHE B 193 -4.42 12.28 -1.89
N PRO B 194 -5.45 11.88 -1.13
CA PRO B 194 -5.43 10.50 -0.60
C PRO B 194 -5.45 9.46 -1.70
N LYS B 195 -6.12 9.74 -2.81
CA LYS B 195 -6.11 8.84 -3.95
C LYS B 195 -4.70 8.63 -4.49
N MET B 196 -3.87 9.68 -4.42
CA MET B 196 -2.50 9.55 -4.92
C MET B 196 -1.61 8.83 -3.91
N LEU B 197 -1.70 9.18 -2.62
CA LEU B 197 -0.99 8.43 -1.59
C LEU B 197 -1.32 6.95 -1.64
N MET B 198 -2.60 6.61 -1.62
CA MET B 198 -2.98 5.21 -1.52
C MET B 198 -2.59 4.40 -2.76
N LYS B 199 -2.08 5.05 -3.80
CA LYS B 199 -1.42 4.31 -4.87
C LYS B 199 -0.23 3.53 -4.33
N ILE B 200 0.41 4.05 -3.27
CA ILE B 200 1.50 3.31 -2.62
C ILE B 200 1.03 1.92 -2.22
N THR B 201 -0.22 1.79 -1.78
CA THR B 201 -0.74 0.48 -1.40
C THR B 201 -0.70 -0.48 -2.58
N ASP B 202 -1.25 -0.07 -3.72
CA ASP B 202 -1.17 -0.89 -4.93
C ASP B 202 0.28 -1.12 -5.32
N LEU B 203 1.15 -0.14 -5.09
CA LEU B 203 2.55 -0.26 -5.48
C LEU B 203 3.27 -1.33 -4.66
N ARG B 204 3.00 -1.38 -3.34
CA ARG B 204 3.61 -2.41 -2.50
C ARG B 204 3.23 -3.81 -2.96
N SER B 205 1.93 -4.03 -3.19
CA SER B 205 1.45 -5.33 -3.67
C SER B 205 2.22 -5.77 -4.90
N ILE B 206 2.25 -4.92 -5.92
CA ILE B 206 2.97 -5.24 -7.16
C ILE B 206 4.43 -5.52 -6.86
N SER B 207 5.06 -4.66 -6.06
CA SER B 207 6.46 -4.82 -5.71
C SER B 207 6.70 -6.12 -4.96
N ALA B 208 5.77 -6.50 -4.07
CA ALA B 208 5.92 -7.75 -3.34
C ALA B 208 6.00 -8.93 -4.28
N LYS B 209 4.98 -9.09 -5.14
CA LYS B 209 5.06 -10.08 -6.21
C LYS B 209 6.30 -9.86 -7.06
N GLY B 210 6.67 -8.59 -7.26
CA GLY B 210 7.89 -8.29 -7.98
C GLY B 210 9.11 -8.92 -7.36
N ALA B 211 9.19 -8.92 -6.02
CA ALA B 211 10.31 -9.56 -5.35
C ALA B 211 10.28 -11.08 -5.52
N GLU B 212 9.08 -11.67 -5.60
CA GLU B 212 8.97 -13.06 -6.03
C GLU B 212 9.63 -13.26 -7.38
N ARG B 213 9.21 -12.46 -8.36
CA ARG B 213 9.75 -12.54 -9.71
C ARG B 213 11.27 -12.46 -9.73
N VAL B 214 11.85 -11.65 -8.83
CA VAL B 214 13.29 -11.39 -8.87
C VAL B 214 14.08 -12.62 -8.46
N ILE B 215 13.67 -13.31 -7.39
CA ILE B 215 14.43 -14.48 -6.96
C ILE B 215 14.36 -15.57 -8.02
N THR B 216 13.18 -15.76 -8.63
CA THR B 216 13.06 -16.71 -9.73
C THR B 216 14.06 -16.40 -10.84
N LEU B 217 14.27 -15.12 -11.15
CA LEU B 217 15.17 -14.75 -12.24
C LEU B 217 16.65 -14.76 -11.83
N LYS B 218 16.99 -14.47 -10.57
CA LYS B 218 18.36 -14.69 -10.10
C LYS B 218 18.82 -16.14 -10.19
N MET B 219 17.88 -17.08 -10.29
CA MET B 219 18.25 -18.48 -10.41
C MET B 219 18.13 -18.97 -11.85
N GLU B 220 17.03 -18.63 -12.55
CA GLU B 220 16.86 -19.09 -13.92
C GLU B 220 17.81 -18.40 -14.87
N ILE B 221 18.23 -17.18 -14.54
CA ILE B 221 19.26 -16.46 -15.28
C ILE B 221 20.51 -16.44 -14.38
N PRO B 222 21.46 -17.34 -14.60
CA PRO B 222 22.62 -17.41 -13.71
C PRO B 222 23.40 -16.11 -13.69
N GLY B 223 23.83 -15.72 -12.48
CA GLY B 223 24.63 -14.51 -12.33
C GLY B 223 23.93 -13.22 -12.66
N SER B 224 22.62 -13.15 -12.39
CA SER B 224 21.84 -11.97 -12.68
C SER B 224 21.61 -11.15 -11.41
N MET B 225 21.35 -9.86 -11.62
CA MET B 225 21.06 -8.91 -10.56
C MET B 225 22.04 -9.00 -9.38
N PRO B 226 23.32 -8.71 -9.62
CA PRO B 226 24.28 -8.65 -8.50
C PRO B 226 23.89 -7.53 -7.55
N PRO B 227 24.05 -7.74 -6.25
CA PRO B 227 23.68 -6.68 -5.30
C PRO B 227 24.54 -5.45 -5.51
N LEU B 228 23.93 -4.26 -5.48
CA LEU B 228 24.72 -3.09 -5.82
C LEU B 228 24.30 -1.81 -5.09
N ILE B 229 23.21 -1.84 -4.31
CA ILE B 229 22.88 -0.65 -3.53
C ILE B 229 23.85 -0.47 -2.37
N GLN B 230 24.23 -1.57 -1.72
CA GLN B 230 25.08 -1.51 -0.53
C GLN B 230 26.36 -0.73 -0.81
N GLU B 231 27.11 -1.16 -1.82
CA GLU B 231 28.49 -0.77 -2.07
C GLU B 231 28.60 0.61 -2.67
N MET B 232 27.73 0.93 -3.62
CA MET B 232 27.66 2.31 -4.08
C MET B 232 27.32 3.27 -2.97
N LEU B 233 26.50 2.85 -2.02
CA LEU B 233 26.20 3.69 -0.88
C LEU B 233 27.26 3.56 0.21
N GLU B 234 28.11 2.52 0.14
CA GLU B 234 29.30 2.46 0.99
C GLU B 234 30.28 3.58 0.65
N ASN B 235 30.24 4.12 -0.55
CA ASN B 235 31.08 5.25 -0.95
C ASN B 235 30.28 6.55 -0.92
C1 OLA C . -9.68 -11.46 15.90
O1 OLA C . -9.25 -12.01 16.90
O2 OLA C . -10.21 -10.26 15.90
C2 OLA C . -9.64 -12.09 14.54
C3 OLA C . -8.37 -12.90 14.29
C4 OLA C . -8.12 -13.17 12.82
C5 OLA C . -6.75 -13.77 12.57
C6 OLA C . -6.28 -13.66 11.14
C7 OLA C . -7.05 -14.55 10.19
C8 OLA C . -6.30 -14.83 8.90
C9 OLA C . -6.38 -16.25 8.47
C10 OLA C . -5.36 -17.06 8.26
C11 OLA C . -3.92 -16.69 8.39
C12 OLA C . -3.45 -16.81 9.84
C13 OLA C . -2.38 -15.81 10.21
C14 OLA C . -2.68 -15.13 11.53
C15 OLA C . -1.57 -14.24 12.04
C16 OLA C . -1.91 -13.61 13.37
C17 OLA C . -0.71 -13.34 14.24
C18 OLA C . -1.03 -13.46 15.72
C5 BMS D . 13.03 -0.13 -14.63
C6 BMS D . 14.03 -0.18 -15.60
C7 BMS D . 14.46 0.98 -16.22
C2 BMS D . 13.87 2.21 -15.90
C3 BMS D . 12.87 2.24 -14.94
C4 BMS D . 12.45 1.09 -14.32
C1 BMS D . 14.29 3.46 -16.61
O1 BMS D . 13.74 4.55 -16.15
O2 BMS D . 15.08 3.45 -17.54
N1 BMS D . 12.60 -1.34 -14.03
C8 BMS D . 11.41 -1.58 -13.43
C9 BMS D . 11.17 -2.99 -12.99
C10 BMS D . 12.20 -3.90 -12.75
C11 BMS D . 11.92 -5.23 -12.44
C12 BMS D . 10.58 -5.67 -12.37
C13 BMS D . 9.57 -4.74 -12.58
C14 BMS D . 9.86 -3.42 -12.89
O3 BMS D . 10.54 -0.73 -13.28
C15 BMS D . 12.99 -6.29 -12.70
C16 BMS D . 12.61 -7.70 -12.19
C17 BMS D . 11.22 -8.06 -12.68
C18 BMS D . 10.18 -7.11 -12.11
C19 BMS D . 8.82 -7.42 -12.76
C20 BMS D . 10.10 -7.36 -10.60
C21 BMS D . 14.37 -5.90 -12.20
C22 BMS D . 14.57 -5.27 -10.98
N2 BMS D . 15.73 -4.91 -10.49
C23 BMS D . 16.84 -5.16 -11.26
C24 BMS D . 16.76 -5.81 -12.51
C25 BMS D . 15.47 -6.17 -12.96
C26 BMS D . 18.12 -4.76 -10.79
C27 BMS D . 19.24 -4.98 -11.55
C28 BMS D . 19.14 -5.63 -12.77
C29 BMS D . 17.94 -6.04 -13.26
#